data_6GQ4
#
_entry.id   6GQ4
#
_cell.length_a   49.092
_cell.length_b   30.936
_cell.length_c   67.572
_cell.angle_alpha   90.00
_cell.angle_beta   103.47
_cell.angle_gamma   90.00
#
_symmetry.space_group_name_H-M   'C 1 2 1'
#
loop_
_entity.id
_entity.type
_entity.pdbx_description
1 polymer Adhesin
2 non-polymer 'SODIUM ION'
3 water water
#
_entity_poly.entity_id   1
_entity_poly.type   'polypeptide(L)'
_entity_poly.pdbx_seq_one_letter_code
;AGTDNPTVAKKTVSYVCQQGKKVKVTYGFNKQGLTTYASAVINGKRVQMPINLDKSDNMDTFYGKEGGYVLSTGAMDSKS
YRKQPIMITAPDNQIVFKDCSPRLEHHHHHH
;
_entity_poly.pdbx_strand_id   A
#
loop_
_chem_comp.id
_chem_comp.type
_chem_comp.name
_chem_comp.formula
NA non-polymer 'SODIUM ION' 'Na 1'
#
# COMPACT_ATOMS: atom_id res chain seq x y z
N ASN A 5 3.87 11.69 -17.49
CA ASN A 5 3.86 10.75 -16.30
C ASN A 5 3.82 11.59 -15.02
N PRO A 6 2.75 11.51 -14.22
CA PRO A 6 2.74 12.29 -12.99
C PRO A 6 3.65 11.62 -11.96
N THR A 7 3.97 10.27 -12.06
CA THR A 7 4.91 9.68 -11.08
C THR A 7 6.33 10.20 -11.34
N VAL A 8 6.96 10.76 -10.30
CA VAL A 8 8.32 11.29 -10.43
C VAL A 8 9.29 10.63 -9.44
N ALA A 9 8.80 9.84 -8.50
CA ALA A 9 9.59 9.17 -7.51
C ALA A 9 8.85 7.94 -7.02
N LYS A 10 9.59 6.95 -6.55
CA LYS A 10 9.04 5.82 -5.95
C LYS A 10 9.85 5.42 -4.70
N LYS A 11 9.11 4.91 -3.70
CA LYS A 11 9.61 4.61 -2.39
C LYS A 11 9.04 3.25 -1.98
N THR A 12 9.80 2.47 -1.21
CA THR A 12 9.44 1.13 -0.87
C THR A 12 9.35 1.00 0.65
N VAL A 13 8.29 0.32 1.12
CA VAL A 13 8.12 0.02 2.55
C VAL A 13 7.98 -1.50 2.74
N SER A 14 8.70 -2.02 3.75
CA SER A 14 8.63 -3.41 4.20
C SER A 14 7.64 -3.52 5.38
N TYR A 15 6.72 -4.48 5.29
CA TYR A 15 5.74 -4.66 6.38
C TYR A 15 5.80 -6.07 7.00
N VAL A 16 5.38 -6.13 8.27
CA VAL A 16 5.09 -7.37 8.95
C VAL A 16 3.60 -7.42 9.26
N CYS A 17 2.99 -8.54 8.84
CA CYS A 17 1.57 -8.73 8.93
C CYS A 17 1.26 -9.86 9.88
N GLN A 18 -0.03 -10.11 10.10
CA GLN A 18 -0.43 -11.22 10.92
C GLN A 18 -0.12 -12.53 10.19
N GLN A 19 -0.17 -13.61 10.98
CA GLN A 19 0.11 -14.99 10.52
C GLN A 19 1.50 -15.10 9.89
N GLY A 20 2.47 -14.37 10.44
CA GLY A 20 3.88 -14.34 10.01
C GLY A 20 4.08 -13.91 8.56
N LYS A 21 3.09 -13.24 7.96
CA LYS A 21 3.23 -12.78 6.58
C LYS A 21 4.04 -11.47 6.56
N LYS A 22 4.69 -11.26 5.42
CA LYS A 22 5.51 -10.09 5.14
C LYS A 22 5.21 -9.65 3.73
N VAL A 23 5.24 -8.34 3.50
CA VAL A 23 5.06 -7.89 2.14
C VAL A 23 5.86 -6.59 1.97
N LYS A 24 6.46 -6.41 0.77
N LYS A 24 6.42 -6.39 0.75
CA LYS A 24 7.11 -5.10 0.40
CA LYS A 24 7.17 -5.14 0.37
C LYS A 24 6.25 -4.44 -0.68
C LYS A 24 6.34 -4.42 -0.71
N VAL A 25 5.99 -3.12 -0.43
CA VAL A 25 5.10 -2.34 -1.28
C VAL A 25 5.90 -1.10 -1.74
N THR A 26 5.89 -0.90 -3.06
CA THR A 26 6.50 0.30 -3.66
C THR A 26 5.33 1.26 -3.99
N TYR A 27 5.50 2.53 -3.57
CA TYR A 27 4.55 3.58 -3.84
C TYR A 27 5.15 4.59 -4.82
N GLY A 28 4.38 4.92 -5.84
CA GLY A 28 4.70 6.05 -6.71
C GLY A 28 4.17 7.36 -6.11
N PHE A 29 4.95 8.43 -6.37
CA PHE A 29 4.65 9.74 -5.83
C PHE A 29 4.72 10.75 -6.96
N ASN A 30 3.85 11.75 -6.85
CA ASN A 30 3.85 12.84 -7.79
C ASN A 30 4.67 13.98 -7.16
N LYS A 31 4.79 15.07 -7.94
CA LYS A 31 5.60 16.21 -7.52
C LYS A 31 5.06 16.86 -6.24
N GLN A 32 3.75 16.71 -5.96
CA GLN A 32 3.17 17.30 -4.78
C GLN A 32 3.36 16.46 -3.52
N GLY A 33 3.90 15.24 -3.70
CA GLY A 33 4.11 14.31 -2.62
C GLY A 33 2.89 13.46 -2.38
N LEU A 34 1.94 13.46 -3.29
CA LEU A 34 0.82 12.48 -3.15
C LEU A 34 1.19 11.20 -3.85
N THR A 35 0.45 10.12 -3.53
CA THR A 35 0.79 8.88 -4.16
C THR A 35 -0.01 8.61 -5.44
N THR A 36 0.58 7.81 -6.34
CA THR A 36 -0.02 7.53 -7.60
C THR A 36 -0.39 6.05 -7.76
N TYR A 37 0.30 5.19 -7.03
CA TYR A 37 0.07 3.73 -7.16
C TYR A 37 0.74 3.05 -6.00
N ALA A 38 0.30 1.79 -5.79
CA ALA A 38 1.00 0.82 -4.91
C ALA A 38 1.30 -0.42 -5.73
N SER A 39 2.50 -0.99 -5.52
CA SER A 39 2.89 -2.17 -6.27
C SER A 39 3.53 -3.17 -5.30
N ALA A 40 3.15 -4.44 -5.47
CA ALA A 40 3.67 -5.53 -4.62
C ALA A 40 3.65 -6.84 -5.41
N VAL A 41 4.61 -7.70 -5.05
CA VAL A 41 4.64 -8.99 -5.57
C VAL A 41 3.73 -9.85 -4.66
N ILE A 42 2.75 -10.47 -5.35
CA ILE A 42 1.74 -11.22 -4.69
C ILE A 42 1.70 -12.58 -5.42
N ASN A 43 2.05 -13.64 -4.70
CA ASN A 43 2.14 -14.97 -5.35
C ASN A 43 3.13 -14.91 -6.52
N GLY A 44 4.32 -14.32 -6.26
CA GLY A 44 5.42 -14.29 -7.22
C GLY A 44 5.14 -13.49 -8.49
N LYS A 45 4.07 -12.68 -8.50
CA LYS A 45 3.88 -11.82 -9.63
C LYS A 45 3.67 -10.38 -9.10
N ARG A 46 4.23 -9.40 -9.81
CA ARG A 46 4.04 -8.05 -9.42
C ARG A 46 2.61 -7.62 -9.76
N VAL A 47 1.97 -7.00 -8.80
CA VAL A 47 0.61 -6.46 -8.99
C VAL A 47 0.68 -4.94 -8.86
N GLN A 48 0.20 -4.23 -9.88
CA GLN A 48 0.24 -2.77 -9.91
C GLN A 48 -1.14 -2.27 -9.53
N MET A 49 -1.25 -1.46 -8.47
CA MET A 49 -2.58 -1.03 -8.03
C MET A 49 -2.63 0.51 -8.07
N PRO A 50 -3.16 1.11 -9.15
CA PRO A 50 -3.23 2.58 -9.20
C PRO A 50 -4.09 3.14 -8.07
N ILE A 51 -3.78 4.34 -7.59
CA ILE A 51 -4.62 4.95 -6.58
C ILE A 51 -6.05 5.04 -7.12
N ASN A 52 -7.00 4.68 -6.26
CA ASN A 52 -8.41 4.66 -6.65
C ASN A 52 -9.06 5.95 -6.13
N LEU A 53 -9.26 6.90 -7.03
CA LEU A 53 -9.79 8.18 -6.63
C LEU A 53 -11.32 8.16 -6.53
N ASP A 54 -11.99 7.09 -6.92
CA ASP A 54 -13.43 6.88 -6.62
C ASP A 54 -13.67 6.55 -5.14
N LYS A 55 -12.73 5.85 -4.51
CA LYS A 55 -12.87 5.39 -3.16
C LYS A 55 -12.10 6.21 -2.13
N SER A 56 -10.91 6.71 -2.50
CA SER A 56 -10.03 7.42 -1.58
C SER A 56 -10.68 8.74 -1.16
N ASP A 57 -10.52 9.10 0.12
CA ASP A 57 -10.97 10.38 0.62
C ASP A 57 -9.88 10.95 1.52
N ASN A 58 -10.30 11.84 2.40
CA ASN A 58 -9.43 12.53 3.30
C ASN A 58 -8.90 11.64 4.41
N MET A 59 -9.61 10.55 4.71
CA MET A 59 -9.30 9.71 5.86
C MET A 59 -8.67 8.38 5.44
N ASP A 60 -9.01 7.89 4.25
CA ASP A 60 -8.68 6.59 3.78
C ASP A 60 -8.17 6.63 2.34
N THR A 61 -7.11 5.85 2.08
CA THR A 61 -6.61 5.71 0.73
C THR A 61 -6.77 4.25 0.27
N PHE A 62 -7.19 4.05 -0.96
CA PHE A 62 -7.37 2.77 -1.57
C PHE A 62 -6.66 2.74 -2.91
N TYR A 63 -5.96 1.63 -3.14
CA TYR A 63 -5.29 1.36 -4.39
C TYR A 63 -5.91 0.11 -5.03
N GLY A 64 -6.10 0.15 -6.35
CA GLY A 64 -6.58 -1.00 -7.11
C GLY A 64 -8.00 -0.79 -7.60
N LYS A 65 -8.34 -1.51 -8.64
CA LYS A 65 -9.73 -1.53 -9.21
C LYS A 65 -10.61 -2.49 -8.41
N GLU A 66 -11.92 -2.24 -8.41
CA GLU A 66 -12.96 -3.28 -8.01
C GLU A 66 -12.72 -4.54 -8.83
N GLY A 67 -12.75 -5.73 -8.20
CA GLY A 67 -12.52 -6.95 -8.92
C GLY A 67 -11.05 -7.40 -8.87
N GLY A 68 -10.15 -6.54 -8.36
CA GLY A 68 -8.73 -6.85 -8.27
C GLY A 68 -8.24 -6.84 -6.83
N TYR A 69 -6.89 -6.91 -6.72
CA TYR A 69 -6.30 -6.69 -5.43
C TYR A 69 -6.47 -5.23 -5.04
N VAL A 70 -6.78 -5.02 -3.77
CA VAL A 70 -6.95 -3.70 -3.20
C VAL A 70 -6.09 -3.55 -1.94
N LEU A 71 -5.21 -2.48 -1.96
CA LEU A 71 -4.51 -2.07 -0.76
C LEU A 71 -5.30 -0.94 -0.07
N SER A 72 -5.55 -1.08 1.22
CA SER A 72 -6.25 0.02 1.92
CA SER A 72 -6.32 -0.09 2.03
C SER A 72 -5.43 0.44 3.14
N THR A 73 -5.45 1.76 3.35
CA THR A 73 -4.67 2.39 4.36
C THR A 73 -5.31 3.77 4.66
N GLY A 74 -4.65 4.51 5.55
CA GLY A 74 -5.01 5.88 5.92
C GLY A 74 -4.59 6.89 4.88
N ALA A 75 -4.40 8.13 5.35
CA ALA A 75 -3.98 9.22 4.49
C ALA A 75 -2.54 8.95 4.09
N MET A 76 -2.27 9.13 2.79
CA MET A 76 -0.91 8.79 2.27
C MET A 76 -0.31 9.97 1.54
N ASP A 77 0.85 10.37 2.03
CA ASP A 77 1.68 11.36 1.33
C ASP A 77 3.13 11.14 1.74
N SER A 78 4.02 11.96 1.17
CA SER A 78 5.43 11.80 1.36
C SER A 78 5.84 11.90 2.86
N LYS A 79 5.03 12.64 3.67
N LYS A 79 5.04 12.59 3.69
CA LYS A 79 5.22 12.75 5.12
CA LYS A 79 5.31 12.71 5.13
C LYS A 79 4.82 11.44 5.82
C LYS A 79 4.76 11.50 5.91
N SER A 80 3.65 10.92 5.47
CA SER A 80 2.90 9.95 6.28
C SER A 80 3.21 8.49 5.92
N TYR A 81 3.71 8.24 4.71
CA TYR A 81 3.52 6.95 4.08
C TYR A 81 4.24 5.86 4.86
N ARG A 82 5.36 6.17 5.55
CA ARG A 82 6.11 5.08 6.19
C ARG A 82 5.58 4.75 7.60
N LYS A 83 4.57 5.46 8.06
CA LYS A 83 3.99 5.21 9.36
C LYS A 83 2.64 4.50 9.25
N GLN A 84 2.04 4.41 8.05
CA GLN A 84 0.63 3.94 7.97
CA GLN A 84 0.64 3.94 7.89
C GLN A 84 0.61 2.41 7.92
N PRO A 85 -0.23 1.78 8.76
CA PRO A 85 -0.46 0.35 8.59
C PRO A 85 -1.33 0.16 7.34
N ILE A 86 -1.24 -1.02 6.71
CA ILE A 86 -1.99 -1.37 5.49
C ILE A 86 -2.67 -2.74 5.65
N MET A 87 -3.59 -3.00 4.73
CA MET A 87 -4.11 -4.32 4.48
C MET A 87 -4.30 -4.49 2.96
N ILE A 88 -4.12 -5.74 2.49
CA ILE A 88 -4.37 -6.09 1.09
C ILE A 88 -5.46 -7.17 1.07
N THR A 89 -6.47 -6.92 0.24
CA THR A 89 -7.65 -7.78 0.00
C THR A 89 -7.50 -8.38 -1.42
N ALA A 90 -7.82 -9.67 -1.57
CA ALA A 90 -7.76 -10.34 -2.87
C ALA A 90 -9.05 -10.10 -3.65
N PRO A 91 -9.03 -10.42 -4.97
CA PRO A 91 -10.21 -10.28 -5.83
C PRO A 91 -11.48 -10.99 -5.29
N ASP A 92 -11.27 -12.04 -4.50
CA ASP A 92 -12.37 -12.82 -4.00
C ASP A 92 -12.83 -12.37 -2.60
N ASN A 93 -12.23 -11.29 -2.10
CA ASN A 93 -12.71 -10.55 -0.94
C ASN A 93 -12.07 -11.08 0.34
N GLN A 94 -11.15 -12.06 0.21
CA GLN A 94 -10.33 -12.52 1.34
C GLN A 94 -9.18 -11.55 1.58
N ILE A 95 -8.92 -11.26 2.86
CA ILE A 95 -7.76 -10.49 3.23
C ILE A 95 -6.55 -11.41 3.15
N VAL A 96 -5.56 -11.03 2.34
N VAL A 96 -5.61 -11.03 2.26
CA VAL A 96 -4.42 -11.91 2.14
CA VAL A 96 -4.38 -11.80 1.98
C VAL A 96 -3.16 -11.33 2.82
C VAL A 96 -3.25 -11.35 2.93
N PHE A 97 -3.17 -10.03 3.16
CA PHE A 97 -2.22 -9.49 4.10
C PHE A 97 -2.96 -8.57 5.09
N LYS A 98 -2.89 -8.94 6.37
CA LYS A 98 -3.77 -8.42 7.40
C LYS A 98 -2.94 -7.70 8.45
N ASP A 99 -3.37 -6.47 8.78
CA ASP A 99 -2.87 -5.78 9.94
C ASP A 99 -1.34 -5.63 9.79
N CYS A 100 -0.91 -5.08 8.65
CA CYS A 100 0.49 -4.96 8.29
C CYS A 100 1.04 -3.63 8.80
N SER A 101 2.01 -3.66 9.72
N SER A 101 2.01 -3.73 9.72
CA SER A 101 2.67 -2.42 10.10
CA SER A 101 2.69 -2.59 10.27
C SER A 101 4.03 -2.36 9.41
C SER A 101 4.08 -2.48 9.65
N PRO A 102 4.54 -1.14 9.19
N PRO A 102 4.47 -1.25 9.24
CA PRO A 102 5.89 -0.98 8.68
CA PRO A 102 5.83 -1.02 8.76
C PRO A 102 6.89 -1.44 9.76
C PRO A 102 6.76 -1.67 9.79
N ARG A 103 7.90 -2.20 9.31
CA ARG A 103 8.96 -2.89 10.13
C ARG A 103 9.83 -1.88 10.89
N LEU A 104 10.05 -2.08 12.20
CA LEU A 104 11.08 -1.29 12.93
C LEU A 104 12.49 -1.87 12.64
N GLU A 105 13.42 -1.03 12.12
CA GLU A 105 14.86 -1.44 11.93
C GLU A 105 15.81 -0.64 12.83
N HIS A 106 15.24 0.16 13.73
CA HIS A 106 16.01 1.06 14.60
C HIS A 106 16.87 0.20 15.52
N HIS A 107 18.11 0.65 15.75
CA HIS A 107 19.05 -0.01 16.66
C HIS A 107 18.53 0.04 18.11
NA NA B . 3.08 2.41 5.34
#